data_6N5K
#
_entry.id   6N5K
#
_cell.length_a   113.960
_cell.length_b   113.960
_cell.length_c   114.830
_cell.angle_alpha   90.000
_cell.angle_beta   90.000
_cell.angle_gamma   120.000
#
_symmetry.space_group_name_H-M   'P 31 2 1'
#
loop_
_entity.id
_entity.type
_entity.pdbx_description
1 polymer 'RNA (125-MER)'
2 non-polymer "(2R,3R,3aS,5R,7aR,9R,10R,10aS,12R,14aR)-2,9-bis(6-amino-9H-purin-9-yl)octahydro-2H,7H-difuro[3,2-d:3',2'-j][1,3,7,9,2,8 ]tetraoxadiphosphacyclododecine-3,5,10,12-tetrol 5,12-dioxide"
3 non-polymer 'MAGNESIUM ION'
4 non-polymer 'POTASSIUM ION'
5 non-polymer 'SULFATE ION'
6 water water
#
_entity_poly.entity_id   1
_entity_poly.type   'polyribonucleotide'
_entity_poly.pdbx_seq_one_letter_code
;(GTP)GUUGCCGAAUCCAUGAUUUGGUACGGAGGAACCGCUUUUUGGGGUUAAUCUGCAGUGAAGCUGCAGUAGGGAUAC
CUUCUGUCCCGCACCCGACAGCUAACUCCGGAGGCAAUAAAGGAAGGAG
;
_entity_poly.pdbx_strand_id   A
#